data_4JED
#
_entry.id   4JED
#
_cell.length_a   69.664
_cell.length_b   54.217
_cell.length_c   55.147
_cell.angle_alpha   90.00
_cell.angle_beta   90.00
_cell.angle_gamma   90.00
#
_symmetry.space_group_name_H-M   'P 21 21 2'
#
loop_
_entity.id
_entity.type
_entity.pdbx_description
1 polymer 'GLUTATHIONE S-TRANSFERASE'
2 non-polymer GLYCEROL
3 non-polymer 'GLUTATHIONE SULFONIC ACID'
4 water water
#
_entity_poly.entity_id   1
_entity_poly.type   'polypeptide(L)'
_entity_poly.pdbx_seq_one_letter_code
;MHHHHHHSSGVDLGTENLYFQSMVETRYRLISATPSPYARKVRIALAEKGLPFELVTEVPWDSATTVPRHNPLEKLPVLL
LPAGGSVYESSYILQWLELKHPDPPLLPPDPDGVLAARRYEVLCDGICDAVVLTFFERQRDEAGRSAPWLARQRRKIEGG
LAEIARLLGDRDWTVGDRFTLGDIAAGTVTGYLSVRFPELDWRARHPNLARLSDRLEARPSFADSVPYAQTITDRVV
;
_entity_poly.pdbx_strand_id   A
#
loop_
_chem_comp.id
_chem_comp.type
_chem_comp.name
_chem_comp.formula
GOL non-polymer GLYCEROL 'C3 H8 O3'
GTS non-polymer 'GLUTATHIONE SULFONIC ACID' 'C10 H17 N3 O9 S'
#
# COMPACT_ATOMS: atom_id res chain seq x y z
N THR A 26 13.96 -17.64 9.89
CA THR A 26 12.58 -17.03 9.90
C THR A 26 12.10 -16.70 8.49
N ARG A 27 10.92 -17.22 8.14
CA ARG A 27 10.28 -16.92 6.86
C ARG A 27 8.77 -16.82 7.07
N TYR A 28 8.15 -16.05 6.22
CA TYR A 28 6.74 -15.69 6.32
C TYR A 28 6.02 -16.13 5.07
N ARG A 29 4.71 -16.13 5.18
CA ARG A 29 3.82 -16.21 4.00
C ARG A 29 2.94 -14.99 4.05
N LEU A 30 2.67 -14.40 2.90
CA LEU A 30 1.85 -13.17 2.84
C LEU A 30 0.68 -13.34 1.90
N ILE A 31 -0.54 -13.27 2.43
CA ILE A 31 -1.73 -13.26 1.58
C ILE A 31 -1.82 -11.85 0.99
N SER A 32 -1.87 -11.80 -0.35
CA SER A 32 -1.72 -10.59 -1.12
C SER A 32 -2.63 -10.65 -2.32
N ALA A 33 -2.84 -9.49 -2.94
CA ALA A 33 -3.52 -9.41 -4.23
C ALA A 33 -2.67 -8.58 -5.15
N THR A 34 -2.74 -8.90 -6.43
CA THR A 34 -1.85 -8.27 -7.38
C THR A 34 -1.92 -6.73 -7.44
N PRO A 35 -3.10 -6.10 -7.35
CA PRO A 35 -3.11 -4.63 -7.37
C PRO A 35 -2.86 -3.98 -6.01
N SER A 36 -2.91 -4.76 -4.93
CA SER A 36 -3.13 -4.21 -3.60
C SER A 36 -2.00 -3.30 -3.15
N PRO A 37 -2.29 -2.03 -2.88
CA PRO A 37 -1.21 -1.14 -2.44
C PRO A 37 -0.85 -1.43 -0.99
N TYR A 38 -1.84 -1.82 -0.20
CA TYR A 38 -1.61 -2.14 1.20
C TYR A 38 -0.67 -3.32 1.29
N ALA A 39 -0.91 -4.35 0.48
CA ALA A 39 0.00 -5.48 0.43
C ALA A 39 1.34 -5.09 -0.16
N ARG A 40 1.38 -4.20 -1.14
CA ARG A 40 2.65 -3.80 -1.71
C ARG A 40 3.56 -3.19 -0.68
N LYS A 41 3.02 -2.36 0.21
CA LYS A 41 3.88 -1.77 1.24
C LYS A 41 4.60 -2.85 2.02
N VAL A 42 3.88 -3.89 2.39
CA VAL A 42 4.44 -5.00 3.14
C VAL A 42 5.43 -5.81 2.33
N ARG A 43 5.13 -6.10 1.08
CA ARG A 43 6.05 -6.79 0.20
C ARG A 43 7.35 -6.03 0.05
N ILE A 44 7.26 -4.72 -0.10
CA ILE A 44 8.46 -3.90 -0.21
C ILE A 44 9.23 -3.96 1.11
N ALA A 45 8.55 -3.78 2.23
CA ALA A 45 9.22 -3.80 3.51
C ALA A 45 9.93 -5.11 3.79
N LEU A 46 9.27 -6.24 3.52
CA LEU A 46 9.89 -7.56 3.73
C LEU A 46 11.15 -7.67 2.91
N ALA A 47 11.09 -7.32 1.62
CA ALA A 47 12.25 -7.42 0.76
C ALA A 47 13.36 -6.47 1.21
N GLU A 48 13.02 -5.24 1.56
CA GLU A 48 14.03 -4.29 2.02
C GLU A 48 14.71 -4.76 3.28
N LYS A 49 14.03 -5.49 4.13
CA LYS A 49 14.60 -6.03 5.37
C LYS A 49 15.27 -7.38 5.19
N GLY A 50 15.30 -7.90 3.96
CA GLY A 50 15.94 -9.17 3.69
C GLY A 50 15.22 -10.35 4.31
N LEU A 51 13.90 -10.25 4.43
CA LEU A 51 13.09 -11.30 5.05
C LEU A 51 12.45 -12.14 3.98
N PRO A 52 12.82 -13.42 3.85
CA PRO A 52 12.19 -14.24 2.83
C PRO A 52 10.70 -14.45 3.09
N PHE A 53 9.94 -14.51 2.01
CA PHE A 53 8.52 -14.78 2.16
C PHE A 53 7.97 -15.41 0.91
N GLU A 54 6.90 -16.18 1.10
CA GLU A 54 6.11 -16.71 0.00
C GLU A 54 4.90 -15.82 -0.21
N LEU A 55 4.70 -15.44 -1.45
CA LEU A 55 3.56 -14.66 -1.86
C LEU A 55 2.39 -15.57 -2.13
N VAL A 56 1.28 -15.36 -1.46
CA VAL A 56 0.06 -16.14 -1.60
C VAL A 56 -1.00 -15.23 -2.23
N THR A 57 -1.13 -15.29 -3.54
CA THR A 57 -2.02 -14.39 -4.24
C THR A 57 -3.44 -14.89 -4.25
N GLU A 58 -4.37 -14.02 -3.91
CA GLU A 58 -5.79 -14.29 -3.92
C GLU A 58 -6.53 -13.08 -4.44
N VAL A 59 -7.73 -13.28 -4.94
CA VAL A 59 -8.70 -12.21 -5.16
C VAL A 59 -9.56 -12.14 -3.90
N PRO A 60 -9.42 -11.07 -3.10
CA PRO A 60 -10.10 -11.05 -1.80
C PRO A 60 -11.58 -10.77 -1.89
N TRP A 61 -12.06 -10.44 -3.10
CA TRP A 61 -13.41 -10.13 -3.43
C TRP A 61 -14.21 -11.34 -3.91
N ASP A 62 -13.53 -12.47 -4.12
CA ASP A 62 -14.18 -13.71 -4.53
C ASP A 62 -14.42 -14.57 -3.29
N SER A 63 -15.44 -15.43 -3.35
CA SER A 63 -15.78 -16.27 -2.21
C SER A 63 -14.69 -17.30 -1.85
N ALA A 64 -13.77 -17.59 -2.77
CA ALA A 64 -12.63 -18.51 -2.52
C ALA A 64 -11.59 -17.92 -1.55
N THR A 65 -11.66 -16.63 -1.23
CA THR A 65 -10.59 -16.08 -0.45
C THR A 65 -10.51 -16.76 0.92
N THR A 66 -9.30 -16.87 1.41
CA THR A 66 -9.04 -17.45 2.71
C THR A 66 -8.79 -16.40 3.78
N VAL A 67 -8.86 -15.12 3.44
CA VAL A 67 -8.62 -14.10 4.43
C VAL A 67 -9.50 -14.19 5.67
N PRO A 68 -10.77 -14.62 5.54
CA PRO A 68 -11.59 -14.64 6.77
C PRO A 68 -11.12 -15.64 7.81
N ARG A 69 -10.35 -16.64 7.41
CA ARG A 69 -9.83 -17.59 8.37
C ARG A 69 -8.82 -16.94 9.31
N HIS A 70 -8.25 -15.78 8.94
N HIS A 70 -8.18 -15.87 8.81
CA HIS A 70 -7.20 -15.12 9.72
CA HIS A 70 -6.99 -15.30 9.42
C HIS A 70 -7.56 -13.73 10.23
C HIS A 70 -7.22 -13.86 9.85
N ASN A 71 -8.29 -12.96 9.42
N ASN A 71 -8.37 -13.28 9.51
CA ASN A 71 -8.54 -11.54 9.71
CA ASN A 71 -8.58 -11.86 9.74
C ASN A 71 -10.04 -11.40 9.88
C ASN A 71 -10.06 -11.53 9.90
N PRO A 72 -10.49 -11.09 11.11
CA PRO A 72 -11.91 -10.79 11.33
C PRO A 72 -12.45 -9.66 10.43
N LEU A 73 -11.58 -8.78 9.97
CA LEU A 73 -11.98 -7.70 9.07
C LEU A 73 -12.02 -8.15 7.62
N GLU A 74 -11.59 -9.38 7.34
CA GLU A 74 -11.74 -10.00 6.02
C GLU A 74 -11.06 -9.18 4.93
N LYS A 75 -9.87 -8.70 5.23
CA LYS A 75 -9.03 -7.98 4.26
C LYS A 75 -7.64 -8.59 4.19
N LEU A 76 -6.99 -8.37 3.05
CA LEU A 76 -5.57 -8.59 2.92
C LEU A 76 -4.88 -7.23 2.79
N PRO A 77 -3.58 -7.14 3.12
CA PRO A 77 -2.65 -8.21 3.41
C PRO A 77 -2.86 -8.90 4.75
N VAL A 78 -2.44 -10.16 4.79
CA VAL A 78 -2.32 -10.91 6.04
C VAL A 78 -0.96 -11.55 6.04
N LEU A 79 -0.14 -11.22 7.04
CA LEU A 79 1.15 -11.86 7.28
C LEU A 79 0.91 -13.11 8.12
N LEU A 80 1.25 -14.27 7.57
CA LEU A 80 1.09 -15.55 8.24
C LEU A 80 2.43 -15.89 8.91
N LEU A 81 2.37 -16.11 10.21
CA LEU A 81 3.55 -16.33 11.03
C LEU A 81 3.91 -17.81 11.05
N PRO A 82 5.21 -18.13 11.02
N PRO A 82 5.20 -18.16 11.16
CA PRO A 82 5.68 -19.51 10.82
CA PRO A 82 5.63 -19.55 11.22
C PRO A 82 5.23 -20.47 11.93
C PRO A 82 4.76 -20.52 12.03
N ALA A 83 5.26 -20.01 13.17
N ALA A 83 4.29 -20.11 13.19
CA ALA A 83 4.83 -20.84 14.31
CA ALA A 83 3.58 -21.02 14.11
C ALA A 83 3.32 -20.79 14.57
C ALA A 83 2.06 -21.10 13.92
N GLY A 84 2.59 -20.01 13.75
N GLY A 84 1.50 -20.33 12.99
CA GLY A 84 1.13 -19.96 13.85
CA GLY A 84 0.05 -20.39 12.72
C GLY A 84 0.65 -18.55 14.12
C GLY A 84 -0.73 -19.11 12.97
N GLY A 85 -0.58 -18.26 13.69
N GLY A 85 -0.10 -18.16 13.66
CA GLY A 85 -1.16 -16.94 13.86
CA GLY A 85 -0.72 -16.86 13.93
C GLY A 85 -0.86 -16.01 12.70
C GLY A 85 -0.72 -15.96 12.71
N SER A 86 -1.29 -14.77 12.84
CA SER A 86 -1.28 -13.82 11.74
C SER A 86 -1.30 -12.41 12.23
N VAL A 87 -0.89 -11.52 11.35
CA VAL A 87 -0.94 -10.08 11.57
C VAL A 87 -1.62 -9.47 10.34
N TYR A 88 -2.53 -8.55 10.57
CA TYR A 88 -3.27 -7.90 9.49
C TYR A 88 -3.33 -6.41 9.77
N GLU A 89 -3.71 -5.66 8.72
CA GLU A 89 -3.76 -4.21 8.63
C GLU A 89 -2.36 -3.74 8.27
N SER A 90 -2.16 -3.27 7.05
CA SER A 90 -0.81 -3.02 6.55
C SER A 90 0.02 -2.11 7.45
N SER A 91 -0.53 -1.02 7.93
CA SER A 91 0.27 -0.13 8.78
C SER A 91 0.72 -0.83 10.06
N TYR A 92 -0.14 -1.66 10.61
CA TYR A 92 0.18 -2.44 11.79
CA TYR A 92 0.16 -2.47 11.79
C TYR A 92 1.20 -3.54 11.46
N ILE A 93 1.07 -4.20 10.31
CA ILE A 93 2.09 -5.16 9.90
C ILE A 93 3.44 -4.47 9.81
N LEU A 94 3.49 -3.28 9.27
CA LEU A 94 4.77 -2.56 9.18
C LEU A 94 5.32 -2.21 10.56
N GLN A 95 4.47 -1.80 11.50
CA GLN A 95 4.93 -1.55 12.85
CA GLN A 95 4.87 -1.55 12.89
C GLN A 95 5.43 -2.83 13.51
N TRP A 96 4.74 -3.93 13.31
CA TRP A 96 5.13 -5.24 13.81
C TRP A 96 6.50 -5.64 13.27
N LEU A 97 6.69 -5.50 11.97
CA LEU A 97 7.97 -5.82 11.36
C LEU A 97 9.09 -4.95 11.89
N GLU A 98 8.83 -3.68 12.12
CA GLU A 98 9.88 -2.81 12.63
C GLU A 98 10.32 -3.21 14.03
N LEU A 99 9.38 -3.67 14.85
CA LEU A 99 9.73 -4.13 16.18
C LEU A 99 10.40 -5.51 16.16
N LYS A 100 9.92 -6.44 15.35
CA LYS A 100 10.45 -7.80 15.33
C LYS A 100 11.79 -7.88 14.59
N HIS A 101 12.00 -7.00 13.61
CA HIS A 101 13.17 -7.03 12.72
C HIS A 101 13.66 -5.59 12.56
N PRO A 102 14.30 -5.04 13.61
CA PRO A 102 14.62 -3.62 13.58
C PRO A 102 15.68 -3.20 12.58
N ASP A 103 16.52 -4.15 12.16
CA ASP A 103 17.57 -3.82 11.23
CA ASP A 103 17.65 -3.88 11.27
C ASP A 103 17.42 -4.64 9.97
N PRO A 104 17.51 -3.97 8.83
CA PRO A 104 17.73 -2.53 8.63
C PRO A 104 16.43 -1.76 8.91
N PRO A 105 16.55 -0.54 9.41
CA PRO A 105 15.37 0.22 9.81
C PRO A 105 14.66 0.83 8.62
N LEU A 106 13.34 0.90 8.69
CA LEU A 106 12.52 1.61 7.70
C LEU A 106 12.00 2.94 8.24
N LEU A 107 12.28 3.24 9.51
CA LEU A 107 11.92 4.50 10.13
CA LEU A 107 11.93 4.51 10.09
C LEU A 107 13.19 5.17 10.63
N PRO A 108 13.23 6.50 10.63
CA PRO A 108 14.30 7.19 11.33
C PRO A 108 14.26 6.89 12.83
N PRO A 109 15.41 7.08 13.52
CA PRO A 109 15.48 6.76 14.95
C PRO A 109 14.78 7.77 15.86
N ASP A 110 14.62 8.99 15.37
CA ASP A 110 14.12 10.08 16.16
C ASP A 110 12.61 10.23 16.00
N PRO A 111 11.93 10.70 17.07
CA PRO A 111 10.46 10.80 16.99
C PRO A 111 9.96 11.71 15.87
N ASP A 112 10.62 12.83 15.61
CA ASP A 112 10.14 13.73 14.56
C ASP A 112 10.16 13.02 13.21
N GLY A 113 11.18 12.21 12.98
CA GLY A 113 11.30 11.48 11.73
C GLY A 113 10.32 10.35 11.61
N VAL A 114 10.07 9.66 12.71
CA VAL A 114 9.03 8.65 12.75
C VAL A 114 7.71 9.29 12.34
N LEU A 115 7.39 10.42 12.95
CA LEU A 115 6.10 11.04 12.70
C LEU A 115 6.04 11.55 11.27
N ALA A 116 7.13 12.06 10.72
CA ALA A 116 7.12 12.52 9.34
C ALA A 116 6.88 11.37 8.38
N ALA A 117 7.52 10.24 8.57
CA ALA A 117 7.32 9.09 7.72
C ALA A 117 5.90 8.56 7.79
N ARG A 118 5.38 8.48 8.97
CA ARG A 118 4.02 8.02 9.18
C ARG A 118 2.98 8.94 8.55
N ARG A 119 3.22 10.22 8.50
CA ARG A 119 2.27 11.12 7.85
C ARG A 119 2.12 10.77 6.35
N TYR A 120 3.23 10.46 5.68
CA TYR A 120 3.14 9.99 4.31
C TYR A 120 2.32 8.71 4.19
N GLU A 121 2.50 7.79 5.14
CA GLU A 121 1.74 6.56 5.14
C GLU A 121 0.24 6.82 5.35
N VAL A 122 -0.11 7.72 6.25
CA VAL A 122 -1.51 8.10 6.44
C VAL A 122 -2.11 8.62 5.15
N LEU A 123 -1.40 9.48 4.45
CA LEU A 123 -1.89 10.04 3.21
C LEU A 123 -2.02 8.96 2.14
N CYS A 124 -0.99 8.14 1.96
CA CYS A 124 -1.05 7.02 1.03
C CYS A 124 -2.28 6.17 1.30
N ASP A 125 -2.48 5.78 2.54
CA ASP A 125 -3.57 4.87 2.87
C ASP A 125 -4.91 5.52 2.62
N GLY A 126 -5.04 6.80 2.98
CA GLY A 126 -6.31 7.48 2.76
C GLY A 126 -6.64 7.66 1.30
N ILE A 127 -5.64 7.95 0.48
CA ILE A 127 -5.84 8.03 -0.96
C ILE A 127 -6.29 6.65 -1.47
N CYS A 128 -5.57 5.60 -1.08
CA CYS A 128 -5.93 4.26 -1.54
C CYS A 128 -7.34 3.87 -1.12
N ASP A 129 -7.74 4.21 0.10
CA ASP A 129 -9.08 3.88 0.56
C ASP A 129 -10.13 4.52 -0.35
N ALA A 130 -9.90 5.78 -0.72
CA ALA A 130 -10.81 6.52 -1.57
C ALA A 130 -10.82 5.97 -3.00
N VAL A 131 -9.68 5.50 -3.50
CA VAL A 131 -9.60 4.85 -4.80
C VAL A 131 -10.42 3.56 -4.81
N VAL A 132 -10.33 2.75 -3.75
CA VAL A 132 -11.09 1.51 -3.68
C VAL A 132 -12.59 1.80 -3.64
N LEU A 133 -13.00 2.77 -2.84
CA LEU A 133 -14.41 3.13 -2.79
C LEU A 133 -14.90 3.62 -4.13
N THR A 134 -14.08 4.37 -4.85
CA THR A 134 -14.40 4.84 -6.20
C THR A 134 -14.56 3.70 -7.17
N PHE A 135 -13.62 2.75 -7.14
CA PHE A 135 -13.64 1.61 -8.02
C PHE A 135 -14.95 0.84 -7.85
N PHE A 136 -15.35 0.55 -6.63
CA PHE A 136 -16.58 -0.18 -6.41
C PHE A 136 -17.81 0.61 -6.67
N GLU A 137 -17.81 1.93 -6.46
CA GLU A 137 -18.94 2.71 -6.89
C GLU A 137 -19.14 2.54 -8.41
N ARG A 138 -18.05 2.56 -9.16
CA ARG A 138 -18.09 2.44 -10.61
C ARG A 138 -18.45 1.04 -11.08
N GLN A 139 -18.48 0.05 -10.19
CA GLN A 139 -18.98 -1.28 -10.51
C GLN A 139 -20.47 -1.36 -10.36
N ARG A 140 -21.09 -0.39 -9.71
CA ARG A 140 -22.56 -0.38 -9.65
C ARG A 140 -23.17 -0.07 -11.00
N ASP A 141 -24.38 -0.53 -11.23
N ASP A 141 -24.41 -0.48 -11.18
CA ASP A 141 -25.12 -0.13 -12.42
CA ASP A 141 -25.19 -0.06 -12.30
C ASP A 141 -25.09 1.39 -12.50
C ASP A 141 -25.09 1.45 -12.47
N GLU A 142 -24.92 1.92 -13.71
CA GLU A 142 -24.70 3.34 -13.91
C GLU A 142 -25.77 4.19 -13.24
N ALA A 143 -27.04 3.79 -13.39
CA ALA A 143 -28.12 4.56 -12.81
C ALA A 143 -28.02 4.69 -11.31
N GLY A 144 -27.33 3.76 -10.64
CA GLY A 144 -27.23 3.77 -9.19
C GLY A 144 -25.96 4.37 -8.62
N ARG A 145 -25.09 4.90 -9.46
CA ARG A 145 -23.85 5.47 -8.99
C ARG A 145 -24.11 6.83 -8.38
N SER A 146 -23.48 7.09 -7.25
CA SER A 146 -23.68 8.34 -6.53
C SER A 146 -22.63 9.37 -6.93
N ALA A 147 -23.05 10.40 -7.66
CA ALA A 147 -22.16 11.48 -8.02
C ALA A 147 -21.58 12.20 -6.78
N PRO A 148 -22.37 12.49 -5.74
CA PRO A 148 -21.76 13.17 -4.59
C PRO A 148 -20.74 12.31 -3.87
N TRP A 149 -20.99 11.00 -3.74
CA TRP A 149 -20.03 10.13 -3.09
C TRP A 149 -18.75 10.05 -3.91
N LEU A 150 -18.86 9.91 -5.21
CA LEU A 150 -17.68 9.93 -6.07
C LEU A 150 -16.90 11.23 -5.95
N ALA A 151 -17.59 12.36 -5.91
CA ALA A 151 -16.91 13.63 -5.80
C ALA A 151 -16.19 13.76 -4.46
N ARG A 152 -16.84 13.30 -3.40
CA ARG A 152 -16.21 13.31 -2.09
C ARG A 152 -14.91 12.52 -2.10
N GLN A 153 -14.96 11.30 -2.63
CA GLN A 153 -13.74 10.47 -2.63
C GLN A 153 -12.66 11.08 -3.51
N ARG A 154 -13.05 11.69 -4.64
CA ARG A 154 -12.06 12.30 -5.52
C ARG A 154 -11.33 13.45 -4.86
N ARG A 155 -11.96 14.23 -4.01
CA ARG A 155 -11.25 15.30 -3.31
C ARG A 155 -10.13 14.71 -2.42
N LYS A 156 -10.39 13.54 -1.83
CA LYS A 156 -9.38 12.92 -0.99
C LYS A 156 -8.19 12.42 -1.84
N ILE A 157 -8.49 11.82 -2.97
CA ILE A 157 -7.46 11.29 -3.85
C ILE A 157 -6.55 12.42 -4.32
N GLU A 158 -7.13 13.44 -4.91
CA GLU A 158 -6.35 14.52 -5.50
C GLU A 158 -5.72 15.40 -4.45
N GLY A 159 -6.45 15.71 -3.39
CA GLY A 159 -5.90 16.55 -2.35
C GLY A 159 -4.84 15.84 -1.54
N GLY A 160 -5.07 14.57 -1.23
CA GLY A 160 -4.03 13.80 -0.54
C GLY A 160 -2.76 13.69 -1.37
N LEU A 161 -2.90 13.45 -2.67
CA LEU A 161 -1.72 13.35 -3.52
C LEU A 161 -0.98 14.66 -3.58
N ALA A 162 -1.70 15.76 -3.68
CA ALA A 162 -1.05 17.06 -3.72
C ALA A 162 -0.29 17.34 -2.45
N GLU A 163 -0.79 16.88 -1.31
CA GLU A 163 -0.07 17.05 -0.08
C GLU A 163 1.19 16.21 -0.01
N ILE A 164 1.16 14.97 -0.46
CA ILE A 164 2.38 14.19 -0.55
C ILE A 164 3.41 14.92 -1.39
N ALA A 165 2.99 15.45 -2.54
CA ALA A 165 3.92 16.17 -3.41
C ALA A 165 4.48 17.40 -2.72
N ARG A 166 3.64 18.12 -1.98
CA ARG A 166 4.10 19.31 -1.28
C ARG A 166 5.11 18.97 -0.21
N LEU A 167 4.86 17.92 0.54
CA LEU A 167 5.76 17.50 1.59
C LEU A 167 7.09 17.08 1.02
N LEU A 168 7.10 16.36 -0.09
CA LEU A 168 8.36 15.96 -0.72
C LEU A 168 9.13 17.17 -1.22
N GLY A 169 8.44 18.10 -1.86
CA GLY A 169 9.11 19.29 -2.35
C GLY A 169 10.21 18.92 -3.33
N ASP A 170 11.36 19.59 -3.17
CA ASP A 170 12.48 19.40 -4.06
C ASP A 170 13.50 18.41 -3.54
N ARG A 171 13.16 17.68 -2.50
CA ARG A 171 14.14 16.84 -1.84
C ARG A 171 14.28 15.48 -2.52
N ASP A 172 15.37 14.79 -2.26
CA ASP A 172 15.61 13.50 -2.90
C ASP A 172 14.79 12.37 -2.29
N TRP A 173 14.50 12.47 -0.99
CA TRP A 173 13.79 11.43 -0.23
C TRP A 173 12.66 12.09 0.51
N THR A 174 11.59 11.34 0.79
CA THR A 174 10.49 11.93 1.52
C THR A 174 10.87 12.38 2.92
N VAL A 175 11.72 11.63 3.61
CA VAL A 175 12.10 11.89 4.99
C VAL A 175 13.61 11.78 5.14
N GLY A 176 14.22 12.89 5.53
CA GLY A 176 15.65 12.92 5.76
C GLY A 176 16.46 12.62 4.50
N ASP A 177 17.51 11.83 4.67
CA ASP A 177 18.56 11.63 3.68
CA ASP A 177 18.45 11.67 3.56
C ASP A 177 18.64 10.22 3.14
N ARG A 178 17.64 9.38 3.42
CA ARG A 178 17.71 7.99 3.00
C ARG A 178 16.30 7.40 2.87
N PHE A 179 16.27 6.24 2.26
CA PHE A 179 15.02 5.48 2.06
C PHE A 179 14.35 5.16 3.39
N THR A 180 13.05 5.43 3.46
CA THR A 180 12.22 5.12 4.61
C THR A 180 10.84 4.68 4.17
N LEU A 181 10.03 4.35 5.16
CA LEU A 181 8.60 4.15 4.99
C LEU A 181 7.93 5.26 4.18
N GLY A 182 8.38 6.50 4.33
CA GLY A 182 7.75 7.57 3.55
C GLY A 182 7.84 7.34 2.06
N ASP A 183 8.97 6.77 1.62
CA ASP A 183 9.18 6.45 0.20
C ASP A 183 8.38 5.24 -0.23
N ILE A 184 8.26 4.26 0.66
CA ILE A 184 7.37 3.14 0.41
C ILE A 184 5.97 3.67 0.15
N ALA A 185 5.50 4.58 1.00
CA ALA A 185 4.15 5.15 0.85
C ALA A 185 4.02 5.94 -0.44
N ALA A 186 4.94 6.86 -0.71
CA ALA A 186 4.81 7.70 -1.89
C ALA A 186 4.91 6.89 -3.17
N GLY A 187 5.83 5.95 -3.23
CA GLY A 187 5.97 5.13 -4.42
C GLY A 187 4.83 4.17 -4.62
N THR A 188 4.29 3.64 -3.54
CA THR A 188 3.15 2.74 -3.63
C THR A 188 1.91 3.46 -4.15
N VAL A 189 1.59 4.62 -3.56
CA VAL A 189 0.34 5.23 -3.96
C VAL A 189 0.40 5.67 -5.41
N THR A 190 1.53 6.21 -5.87
CA THR A 190 1.63 6.64 -7.27
C THR A 190 1.53 5.47 -8.22
N GLY A 191 2.20 4.35 -7.91
CA GLY A 191 2.10 3.19 -8.76
C GLY A 191 0.68 2.64 -8.82
N TYR A 192 -0.04 2.75 -7.74
CA TYR A 192 -1.42 2.27 -7.65
C TYR A 192 -2.36 3.15 -8.45
N LEU A 193 -2.17 4.46 -8.37
CA LEU A 193 -3.01 5.38 -9.15
C LEU A 193 -2.93 5.08 -10.64
N SER A 194 -1.76 4.71 -11.13
CA SER A 194 -1.64 4.37 -12.56
C SER A 194 -2.45 3.15 -12.94
N VAL A 195 -2.78 2.28 -12.01
CA VAL A 195 -3.59 1.11 -12.28
C VAL A 195 -5.08 1.36 -12.03
N ARG A 196 -5.44 1.91 -10.89
CA ARG A 196 -6.85 2.00 -10.46
CA ARG A 196 -6.84 2.00 -10.48
C ARG A 196 -7.44 3.40 -10.48
N PHE A 197 -6.67 4.43 -10.83
CA PHE A 197 -7.23 5.77 -11.04
C PHE A 197 -6.50 6.42 -12.20
N PRO A 198 -6.53 5.75 -13.37
CA PRO A 198 -5.65 6.12 -14.48
C PRO A 198 -5.92 7.49 -15.10
N GLU A 199 -7.09 8.07 -14.84
CA GLU A 199 -7.40 9.38 -15.38
C GLU A 199 -6.54 10.51 -14.82
N LEU A 200 -5.93 10.27 -13.65
CA LEU A 200 -5.20 11.32 -12.96
C LEU A 200 -3.74 11.32 -13.45
N ASP A 201 -3.32 12.38 -14.13
CA ASP A 201 -1.95 12.48 -14.64
C ASP A 201 -1.01 13.01 -13.55
N TRP A 202 -0.74 12.13 -12.58
CA TRP A 202 0.03 12.52 -11.43
C TRP A 202 1.47 12.91 -11.80
N ARG A 203 2.02 12.27 -12.82
CA ARG A 203 3.39 12.59 -13.24
C ARG A 203 3.50 14.02 -13.78
N ALA A 204 2.45 14.46 -14.49
CA ALA A 204 2.44 15.80 -15.04
C ALA A 204 2.21 16.85 -13.98
N ARG A 205 1.28 16.61 -13.05
CA ARG A 205 1.05 17.63 -12.02
C ARG A 205 2.13 17.68 -10.97
N HIS A 206 2.80 16.53 -10.73
CA HIS A 206 3.79 16.40 -9.68
C HIS A 206 5.06 15.76 -10.22
N PRO A 207 5.85 16.50 -11.01
CA PRO A 207 7.08 15.91 -11.56
C PRO A 207 8.07 15.45 -10.51
N ASN A 208 8.01 16.05 -9.31
CA ASN A 208 8.83 15.54 -8.22
C ASN A 208 8.48 14.09 -7.87
N LEU A 209 7.20 13.76 -7.86
CA LEU A 209 6.77 12.39 -7.64
C LEU A 209 7.11 11.50 -8.82
N ALA A 210 7.04 12.01 -10.04
CA ALA A 210 7.45 11.24 -11.19
C ALA A 210 8.91 10.83 -11.03
N ARG A 211 9.78 11.76 -10.68
CA ARG A 211 11.19 11.45 -10.54
C ARG A 211 11.46 10.50 -9.38
N LEU A 212 10.82 10.73 -8.25
CA LEU A 212 10.98 9.81 -7.12
C LEU A 212 10.51 8.41 -7.48
N SER A 213 9.35 8.31 -8.11
CA SER A 213 8.80 7.03 -8.53
CA SER A 213 8.82 7.03 -8.50
C SER A 213 9.79 6.31 -9.44
N ASP A 214 10.35 7.01 -10.40
CA ASP A 214 11.29 6.39 -11.31
C ASP A 214 12.50 5.85 -10.56
N ARG A 215 13.00 6.55 -9.56
CA ARG A 215 14.08 5.98 -8.82
CA ARG A 215 14.11 6.07 -8.72
C ARG A 215 13.65 4.82 -7.95
N LEU A 216 12.53 4.90 -7.28
CA LEU A 216 12.08 3.82 -6.41
C LEU A 216 11.74 2.55 -7.16
N GLU A 217 11.11 2.69 -8.33
CA GLU A 217 10.64 1.54 -9.10
C GLU A 217 11.83 0.70 -9.60
N ALA A 218 13.03 1.28 -9.64
CA ALA A 218 14.23 0.52 -9.97
C ALA A 218 14.76 -0.31 -8.80
N ARG A 219 14.31 -0.06 -7.58
CA ARG A 219 14.77 -0.88 -6.47
C ARG A 219 14.17 -2.28 -6.64
N PRO A 220 14.95 -3.34 -6.39
CA PRO A 220 14.42 -4.70 -6.53
C PRO A 220 13.11 -4.94 -5.76
N SER A 221 12.96 -4.36 -4.57
CA SER A 221 11.77 -4.56 -3.77
C SER A 221 10.50 -4.06 -4.47
N PHE A 222 10.64 -2.94 -5.17
CA PHE A 222 9.55 -2.39 -5.96
C PHE A 222 9.38 -3.19 -7.26
N ALA A 223 10.48 -3.48 -7.95
CA ALA A 223 10.41 -4.17 -9.23
C ALA A 223 9.80 -5.56 -9.09
N ASP A 224 9.83 -6.17 -7.91
CA ASP A 224 9.24 -7.48 -7.70
C ASP A 224 7.80 -7.37 -7.22
N SER A 225 7.19 -6.19 -7.19
CA SER A 225 5.87 -6.02 -6.60
C SER A 225 4.97 -5.03 -7.35
N VAL A 226 5.27 -4.81 -8.62
CA VAL A 226 4.49 -3.83 -9.38
C VAL A 226 3.01 -4.27 -9.44
N PRO A 227 2.07 -3.34 -9.27
CA PRO A 227 0.65 -3.72 -9.34
C PRO A 227 0.18 -3.93 -10.77
N TYR A 228 -0.77 -4.84 -10.90
CA TYR A 228 -1.57 -5.04 -12.09
C TYR A 228 -2.98 -5.33 -11.65
N ALA A 229 -3.94 -5.11 -12.52
CA ALA A 229 -5.34 -5.38 -12.22
C ALA A 229 -5.63 -6.85 -12.20
N GLN A 230 -6.31 -7.32 -11.17
CA GLN A 230 -6.79 -8.68 -11.05
C GLN A 230 -8.19 -8.81 -11.67
N THR A 231 -8.65 -10.04 -11.81
CA THR A 231 -10.01 -10.31 -12.24
C THR A 231 -10.88 -10.53 -11.03
N ILE A 232 -11.98 -9.79 -10.94
CA ILE A 232 -12.97 -10.02 -9.90
C ILE A 232 -14.17 -10.68 -10.54
N THR A 233 -14.53 -11.87 -10.05
CA THR A 233 -15.63 -12.62 -10.62
C THR A 233 -16.91 -12.41 -9.85
N ASP A 234 -16.87 -12.51 -8.54
CA ASP A 234 -18.10 -12.42 -7.73
CA ASP A 234 -18.12 -12.45 -7.78
C ASP A 234 -18.61 -11.00 -7.66
N ARG A 235 -19.89 -10.87 -7.48
CA ARG A 235 -20.53 -9.60 -7.23
C ARG A 235 -20.07 -9.04 -5.87
N VAL A 236 -19.63 -7.80 -5.87
CA VAL A 236 -19.24 -7.10 -4.64
C VAL A 236 -20.28 -6.06 -4.25
N VAL A 237 -20.78 -5.32 -5.22
CA VAL A 237 -21.85 -4.34 -5.02
C VAL A 237 -23.08 -4.73 -5.83
C1 GOL B . -0.85 7.23 -15.53
O1 GOL B . -2.25 7.03 -15.72
C2 GOL B . -0.59 8.72 -15.38
O2 GOL B . -0.89 9.43 -16.59
C3 GOL B . 0.84 9.00 -15.01
O3 GOL B . 0.89 10.37 -14.68
H11 GOL B . -0.51 6.71 -14.64
H12 GOL B . -0.30 6.84 -16.39
HO1 GOL B . -2.42 6.08 -15.82
H2 GOL B . -1.23 9.09 -14.58
HO2 GOL B . -0.74 10.38 -16.47
H31 GOL B . 1.14 8.40 -14.16
H32 GOL B . 1.50 8.79 -15.85
HO3 GOL B . 1.20 10.87 -15.45
N1 GTS C . -6.65 -0.72 5.83
CA1 GTS C . -6.31 -2.03 5.25
C1 GTS C . -4.81 -2.24 5.25
O11 GTS C . -4.11 -1.19 5.28
O12 GTS C . -4.38 -3.40 5.20
CB1 GTS C . -6.93 -2.08 3.86
CG1 GTS C . -6.79 -3.42 3.15
CD1 GTS C . -7.76 -3.62 2.04
OE1 GTS C . -8.73 -2.88 1.89
N2 GTS C . -7.55 -4.63 1.23
CA2 GTS C . -8.50 -5.00 0.19
C2 GTS C . -9.39 -6.12 0.70
O2 GTS C . -8.93 -7.17 1.14
CB2 GTS C . -7.78 -5.48 -1.10
SG2 GTS C . -6.89 -4.33 -1.96
O1S GTS C . -5.78 -4.05 -1.33
O2S GTS C . -7.75 -3.36 -2.39
O3S GTS C . -6.76 -4.95 -3.45
N3 GTS C . -10.69 -5.89 0.56
CA3 GTS C . -11.72 -6.85 0.95
C3 GTS C . -12.82 -6.22 1.78
O31 GTS C . -12.73 -5.04 2.17
O32 GTS C . -13.82 -6.96 2.03
HN11 GTS C . -7.33 -0.66 6.58
HN12 GTS C . -6.21 0.12 5.48
HA1 GTS C . -6.77 -2.83 5.85
HB11 GTS C . -7.99 -1.84 3.96
HB12 GTS C . -6.48 -1.30 3.24
HG11 GTS C . -5.78 -3.50 2.76
HG12 GTS C . -6.92 -4.21 3.89
HN2 GTS C . -6.74 -5.22 1.35
HA2 GTS C . -9.11 -4.13 -0.08
HB21 GTS C . -8.54 -5.90 -1.77
HB22 GTS C . -7.12 -6.30 -0.83
HOS3 GTS C . -6.63 -5.90 -3.57
HN3 GTS C . -11.01 -5.01 0.18
HA31 GTS C . -12.17 -7.29 0.06
HA32 GTS C . -11.28 -7.67 1.52
#